data_9BB0
#
_entry.id   9BB0
#
_cell.length_a   83.765
_cell.length_b   83.765
_cell.length_c   40.535
_cell.angle_alpha   90.000
_cell.angle_beta   90.000
_cell.angle_gamma   120.000
#
_symmetry.space_group_name_H-M   'P 3'
#
loop_
_entity.id
_entity.type
_entity.pdbx_description
1 polymer 'D-dopachrome decarboxylase'
2 non-polymer 'SODIUM ION'
3 non-polymer '3-(4-HYDROXY-PHENYL)PYRUVIC ACID'
4 non-polymer '(2E)-2-hydroxy-3-(4-hydroxyphenyl)prop-2-enoic acid'
5 water water
#
_entity_poly.entity_id   1
_entity_poly.type   'polypeptide(L)'
_entity_poly.pdbx_seq_one_letter_code
;PFLELDTNLPANRVPAGLEKRLCAAAASILGKPADRVNVTVRPGLAMALSGSTEPCAQLSISSIGVVGTAEDNRSHSAHF
FEFLTKELALGQDRILIRFFPLESWQIGKIGTVMTFL
;
_entity_poly.pdbx_strand_id   AAA,BBB,CCC
#
# COMPACT_ATOMS: atom_id res chain seq x y z
N PRO A 1 8.19 -18.90 -10.54
CA PRO A 1 6.95 -18.94 -9.77
C PRO A 1 5.75 -19.32 -10.65
N PHE A 2 4.72 -19.90 -10.06
CA PHE A 2 3.47 -20.25 -10.79
C PHE A 2 2.35 -19.42 -10.19
N LEU A 3 1.66 -18.65 -11.05
CA LEU A 3 0.52 -17.82 -10.57
C LEU A 3 -0.73 -18.27 -11.30
N GLU A 4 -1.81 -18.53 -10.60
N GLU A 4 -1.81 -18.53 -10.60
CA GLU A 4 -3.09 -18.89 -11.26
CA GLU A 4 -3.09 -18.89 -11.26
C GLU A 4 -4.14 -17.90 -10.78
C GLU A 4 -4.14 -17.90 -10.78
N LEU A 5 -4.84 -17.26 -11.71
CA LEU A 5 -5.83 -16.21 -11.35
C LEU A 5 -7.19 -16.65 -11.86
N ASP A 6 -8.15 -16.92 -10.99
CA ASP A 6 -9.52 -17.26 -11.37
C ASP A 6 -10.36 -15.99 -11.21
N THR A 7 -11.24 -15.67 -12.19
CA THR A 7 -12.11 -14.50 -11.93
C THR A 7 -13.48 -14.73 -12.58
N ASN A 8 -14.50 -14.10 -11.99
CA ASN A 8 -15.85 -14.09 -12.59
C ASN A 8 -15.97 -12.87 -13.50
N LEU A 9 -14.97 -12.03 -13.64
CA LEU A 9 -15.02 -11.00 -14.70
C LEU A 9 -14.97 -11.73 -16.03
N PRO A 10 -15.82 -11.36 -17.00
N PRO A 10 -15.82 -11.36 -17.00
CA PRO A 10 -15.72 -11.97 -18.33
CA PRO A 10 -15.72 -11.97 -18.32
C PRO A 10 -14.35 -11.59 -18.92
C PRO A 10 -14.36 -11.60 -18.92
N ALA A 11 -13.91 -12.37 -19.92
CA ALA A 11 -12.62 -12.07 -20.59
C ALA A 11 -12.53 -10.61 -21.08
N ASN A 12 -13.66 -10.04 -21.55
CA ASN A 12 -13.59 -8.67 -22.09
C ASN A 12 -13.59 -7.60 -20.99
N ARG A 13 -13.50 -8.01 -19.73
CA ARG A 13 -13.31 -7.03 -18.60
C ARG A 13 -11.99 -7.35 -17.90
N VAL A 14 -11.18 -8.20 -18.49
CA VAL A 14 -9.80 -8.45 -18.00
C VAL A 14 -8.90 -7.74 -18.99
N PRO A 15 -8.20 -6.65 -18.59
N PRO A 15 -8.20 -6.65 -18.59
CA PRO A 15 -7.41 -5.87 -19.56
CA PRO A 15 -7.41 -5.88 -19.56
C PRO A 15 -6.48 -6.71 -20.45
C PRO A 15 -6.48 -6.71 -20.45
N ALA A 16 -6.43 -6.37 -21.74
CA ALA A 16 -5.51 -7.08 -22.65
C ALA A 16 -4.08 -7.03 -22.07
N GLY A 17 -3.40 -8.15 -22.18
CA GLY A 17 -1.99 -8.21 -21.76
C GLY A 17 -1.78 -8.44 -20.28
N LEU A 18 -2.84 -8.66 -19.51
N LEU A 18 -2.84 -8.66 -19.51
CA LEU A 18 -2.66 -8.79 -18.04
CA LEU A 18 -2.66 -8.79 -18.04
C LEU A 18 -1.65 -9.91 -17.73
C LEU A 18 -1.65 -9.91 -17.73
N GLU A 19 -1.77 -11.07 -18.38
CA GLU A 19 -0.87 -12.22 -18.04
C GLU A 19 0.61 -11.85 -18.18
N LYS A 20 0.94 -11.00 -19.17
N LYS A 20 0.94 -11.00 -19.17
CA LYS A 20 2.34 -10.56 -19.36
CA LYS A 20 2.34 -10.56 -19.36
C LYS A 20 2.72 -9.58 -18.24
C LYS A 20 2.73 -9.58 -18.25
N ARG A 21 1.86 -8.61 -17.95
CA ARG A 21 2.15 -7.61 -16.89
C ARG A 21 2.26 -8.32 -15.52
N LEU A 22 1.50 -9.38 -15.30
CA LEU A 22 1.62 -10.12 -14.02
C LEU A 22 2.99 -10.84 -13.94
N CYS A 23 3.60 -11.22 -15.08
CA CYS A 23 4.99 -11.77 -15.00
C CYS A 23 5.95 -10.70 -14.49
N ALA A 24 5.88 -9.49 -15.04
CA ALA A 24 6.77 -8.40 -14.58
C ALA A 24 6.48 -8.09 -13.11
N ALA A 25 5.23 -8.08 -12.71
CA ALA A 25 4.89 -7.73 -11.32
C ALA A 25 5.46 -8.81 -10.40
N ALA A 26 5.22 -10.06 -10.73
CA ALA A 26 5.66 -11.14 -9.85
C ALA A 26 7.19 -11.16 -9.76
N ALA A 27 7.88 -10.83 -10.86
CA ALA A 27 9.35 -10.77 -10.81
C ALA A 27 9.82 -9.78 -9.76
N SER A 28 9.25 -8.57 -9.78
N SER A 28 9.25 -8.57 -9.78
CA SER A 28 9.70 -7.52 -8.82
CA SER A 28 9.70 -7.51 -8.82
C SER A 28 9.30 -7.88 -7.40
C SER A 28 9.30 -7.88 -7.40
N ILE A 29 8.10 -8.45 -7.23
CA ILE A 29 7.61 -8.73 -5.86
C ILE A 29 8.36 -9.91 -5.24
N LEU A 30 8.55 -10.97 -6.02
CA LEU A 30 9.11 -12.23 -5.46
C LEU A 30 10.63 -12.32 -5.61
N GLY A 31 11.23 -11.43 -6.38
CA GLY A 31 12.70 -11.45 -6.53
C GLY A 31 13.16 -12.62 -7.37
N LYS A 32 12.38 -12.96 -8.39
CA LYS A 32 12.72 -14.04 -9.31
C LYS A 32 12.67 -13.42 -10.74
N PRO A 33 13.37 -13.94 -11.74
CA PRO A 33 13.29 -13.36 -13.09
C PRO A 33 11.90 -13.48 -13.77
N ALA A 34 11.48 -12.45 -14.53
CA ALA A 34 10.19 -12.50 -15.24
C ALA A 34 10.13 -13.72 -16.18
N ASP A 35 11.28 -14.11 -16.72
CA ASP A 35 11.31 -15.27 -17.66
C ASP A 35 11.25 -16.62 -16.91
N ARG A 36 11.06 -16.60 -15.58
CA ARG A 36 10.78 -17.84 -14.83
C ARG A 36 9.38 -17.73 -14.17
N VAL A 37 8.60 -16.75 -14.58
CA VAL A 37 7.24 -16.60 -14.04
C VAL A 37 6.27 -17.24 -15.01
N ASN A 38 5.32 -17.99 -14.46
CA ASN A 38 4.29 -18.66 -15.27
C ASN A 38 2.97 -18.13 -14.73
N VAL A 39 2.10 -17.68 -15.63
CA VAL A 39 0.81 -17.10 -15.21
C VAL A 39 -0.32 -17.81 -15.97
N THR A 40 -1.38 -18.16 -15.29
CA THR A 40 -2.59 -18.75 -15.93
C THR A 40 -3.77 -17.91 -15.48
N VAL A 41 -4.54 -17.35 -16.39
CA VAL A 41 -5.75 -16.58 -16.05
C VAL A 41 -6.96 -17.32 -16.64
N ARG A 42 -7.95 -17.55 -15.74
CA ARG A 42 -9.18 -18.29 -16.09
C ARG A 42 -10.34 -17.34 -15.84
N PRO A 43 -10.83 -16.61 -16.86
CA PRO A 43 -11.91 -15.63 -16.67
C PRO A 43 -13.27 -16.29 -16.97
N GLY A 44 -14.33 -15.48 -16.72
CA GLY A 44 -15.71 -15.91 -17.06
C GLY A 44 -16.26 -17.01 -16.18
N LEU A 45 -15.64 -17.24 -14.99
CA LEU A 45 -16.10 -18.35 -14.12
C LEU A 45 -17.29 -17.89 -13.30
N ALA A 46 -17.94 -18.83 -12.60
CA ALA A 46 -19.02 -18.47 -11.65
C ALA A 46 -18.39 -18.48 -10.27
N MET A 47 -18.38 -17.34 -9.58
CA MET A 47 -17.64 -17.28 -8.31
C MET A 47 -18.43 -16.55 -7.23
N ALA A 48 -18.28 -17.01 -5.99
CA ALA A 48 -18.72 -16.27 -4.80
C ALA A 48 -17.45 -16.06 -3.97
N LEU A 49 -17.29 -14.88 -3.44
CA LEU A 49 -16.12 -14.61 -2.55
C LEU A 49 -16.73 -13.93 -1.34
N SER A 50 -16.41 -14.48 -0.16
CA SER A 50 -17.05 -14.00 1.09
C SER A 50 -18.58 -14.08 0.93
N GLY A 51 -19.07 -15.18 0.36
CA GLY A 51 -20.52 -15.40 0.18
C GLY A 51 -21.21 -14.56 -0.88
N SER A 52 -20.49 -13.68 -1.59
CA SER A 52 -21.10 -12.70 -2.56
C SER A 52 -20.64 -12.95 -4.01
N THR A 53 -21.54 -12.81 -5.01
CA THR A 53 -21.19 -13.10 -6.43
C THR A 53 -20.84 -11.84 -7.23
N GLU A 54 -20.62 -10.72 -6.57
CA GLU A 54 -20.13 -9.53 -7.30
C GLU A 54 -18.73 -9.82 -7.88
N PRO A 55 -18.23 -9.04 -8.85
CA PRO A 55 -16.91 -9.32 -9.40
C PRO A 55 -15.86 -9.52 -8.34
N CYS A 56 -15.02 -10.51 -8.59
CA CYS A 56 -13.97 -10.88 -7.62
C CYS A 56 -12.86 -11.64 -8.35
N ALA A 57 -11.77 -11.93 -7.61
CA ALA A 57 -10.68 -12.74 -8.19
C ALA A 57 -9.93 -13.49 -7.12
N GLN A 58 -9.42 -14.66 -7.48
N GLN A 58 -9.42 -14.66 -7.48
CA GLN A 58 -8.60 -15.45 -6.52
CA GLN A 58 -8.60 -15.45 -6.52
C GLN A 58 -7.24 -15.71 -7.18
C GLN A 58 -7.24 -15.71 -7.18
N LEU A 59 -6.15 -15.46 -6.46
CA LEU A 59 -4.81 -15.71 -7.02
C LEU A 59 -4.14 -16.78 -6.19
N SER A 60 -3.50 -17.76 -6.80
CA SER A 60 -2.65 -18.74 -6.11
C SER A 60 -1.22 -18.49 -6.57
N ILE A 61 -0.27 -18.55 -5.63
CA ILE A 61 1.15 -18.26 -5.98
C ILE A 61 1.98 -19.40 -5.40
N SER A 62 2.75 -20.07 -6.23
CA SER A 62 3.56 -21.22 -5.78
C SER A 62 5.00 -20.98 -6.22
N SER A 63 5.95 -21.27 -5.34
CA SER A 63 7.37 -21.01 -5.68
C SER A 63 8.26 -21.74 -4.70
N ILE A 64 9.50 -21.95 -5.09
CA ILE A 64 10.50 -22.50 -4.16
C ILE A 64 11.08 -21.39 -3.26
N GLY A 65 11.11 -21.61 -1.95
CA GLY A 65 11.90 -20.78 -1.02
C GLY A 65 11.28 -19.47 -0.56
N VAL A 66 10.49 -18.78 -1.39
CA VAL A 66 10.12 -17.37 -1.07
C VAL A 66 8.68 -17.14 -0.59
N VAL A 67 7.83 -18.17 -0.57
CA VAL A 67 6.40 -17.98 -0.15
C VAL A 67 6.08 -18.83 1.06
N GLY A 68 7.09 -19.05 1.93
CA GLY A 68 6.89 -19.96 3.07
C GLY A 68 6.80 -19.32 4.44
N THR A 69 6.93 -17.99 4.53
CA THR A 69 6.89 -17.30 5.86
C THR A 69 5.76 -16.30 5.93
N ALA A 70 5.23 -16.06 7.12
CA ALA A 70 4.19 -15.03 7.26
C ALA A 70 4.76 -13.65 6.94
N GLU A 71 5.97 -13.33 7.38
CA GLU A 71 6.48 -11.96 7.21
C GLU A 71 6.73 -11.65 5.74
N ASP A 72 7.28 -12.57 5.00
CA ASP A 72 7.47 -12.21 3.59
C ASP A 72 6.16 -12.37 2.81
N ASN A 73 5.26 -13.26 3.17
CA ASN A 73 3.96 -13.34 2.46
C ASN A 73 3.14 -12.09 2.75
N ARG A 74 3.28 -11.46 3.92
CA ARG A 74 2.58 -10.18 4.17
C ARG A 74 3.03 -9.16 3.11
N SER A 75 4.33 -9.04 2.89
CA SER A 75 4.86 -8.08 1.88
C SER A 75 4.38 -8.49 0.51
N HIS A 76 4.46 -9.75 0.15
CA HIS A 76 4.04 -10.15 -1.21
C HIS A 76 2.56 -9.82 -1.39
N SER A 77 1.75 -10.12 -0.37
CA SER A 77 0.30 -9.84 -0.44
C SER A 77 0.06 -8.34 -0.70
N ALA A 78 0.73 -7.46 0.05
CA ALA A 78 0.48 -6.03 -0.15
C ALA A 78 0.73 -5.65 -1.61
N HIS A 79 1.83 -6.11 -2.19
CA HIS A 79 2.17 -5.70 -3.57
C HIS A 79 1.20 -6.33 -4.56
N PHE A 80 0.82 -7.59 -4.41
CA PHE A 80 -0.08 -8.22 -5.39
C PHE A 80 -1.48 -7.61 -5.28
N PHE A 81 -1.91 -7.22 -4.08
CA PHE A 81 -3.23 -6.53 -3.97
C PHE A 81 -3.12 -5.19 -4.67
N GLU A 82 -2.05 -4.43 -4.55
CA GLU A 82 -1.98 -3.14 -5.27
C GLU A 82 -2.05 -3.40 -6.78
N PHE A 83 -1.34 -4.38 -7.29
CA PHE A 83 -1.38 -4.68 -8.74
C PHE A 83 -2.78 -5.08 -9.17
N LEU A 84 -3.43 -6.02 -8.49
CA LEU A 84 -4.70 -6.61 -8.96
C LEU A 84 -5.87 -5.64 -8.75
N THR A 85 -5.91 -4.90 -7.66
CA THR A 85 -7.05 -3.97 -7.47
C THR A 85 -7.06 -3.00 -8.63
N LYS A 86 -5.92 -2.46 -9.00
CA LYS A 86 -5.85 -1.46 -10.08
C LYS A 86 -6.11 -2.11 -11.46
N GLU A 87 -5.50 -3.24 -11.76
CA GLU A 87 -5.64 -3.85 -13.09
C GLU A 87 -7.07 -4.32 -13.30
N LEU A 88 -7.69 -4.90 -12.31
CA LEU A 88 -9.04 -5.52 -12.46
C LEU A 88 -10.15 -4.58 -12.06
N ALA A 89 -9.84 -3.41 -11.57
CA ALA A 89 -10.84 -2.42 -11.08
C ALA A 89 -11.69 -3.10 -10.00
N LEU A 90 -11.04 -3.76 -9.04
CA LEU A 90 -11.71 -4.43 -7.92
C LEU A 90 -11.26 -3.82 -6.59
N GLY A 91 -12.19 -3.78 -5.64
CA GLY A 91 -11.81 -3.38 -4.28
C GLY A 91 -11.03 -4.50 -3.60
N GLN A 92 -10.29 -4.13 -2.55
N GLN A 92 -10.32 -4.14 -2.52
CA GLN A 92 -9.46 -5.13 -1.83
CA GLN A 92 -9.47 -5.14 -1.81
C GLN A 92 -10.33 -6.17 -1.14
C GLN A 92 -10.34 -6.23 -1.18
N ASP A 93 -11.61 -5.90 -0.89
CA ASP A 93 -12.52 -6.93 -0.31
C ASP A 93 -12.87 -8.02 -1.32
N ARG A 94 -12.52 -7.81 -2.60
CA ARG A 94 -12.97 -8.75 -3.67
C ARG A 94 -11.81 -9.60 -4.22
N ILE A 95 -10.67 -9.66 -3.50
CA ILE A 95 -9.54 -10.46 -3.93
C ILE A 95 -9.05 -11.28 -2.72
N LEU A 96 -8.67 -12.54 -2.95
CA LEU A 96 -7.94 -13.35 -1.94
C LEU A 96 -6.78 -14.01 -2.65
N ILE A 97 -5.74 -14.31 -1.84
CA ILE A 97 -4.53 -14.96 -2.39
C ILE A 97 -4.21 -16.19 -1.54
N ARG A 98 -3.75 -17.26 -2.15
CA ARG A 98 -3.18 -18.40 -1.37
C ARG A 98 -1.74 -18.58 -1.83
N PHE A 99 -0.87 -18.90 -0.85
CA PHE A 99 0.57 -19.12 -1.12
C PHE A 99 0.92 -20.59 -0.88
N PHE A 100 1.71 -21.17 -1.78
CA PHE A 100 2.03 -22.61 -1.73
C PHE A 100 3.53 -22.82 -1.95
N PRO A 101 4.33 -23.11 -0.94
CA PRO A 101 5.72 -23.49 -1.17
C PRO A 101 5.80 -24.76 -2.04
N LEU A 102 6.84 -24.78 -2.87
CA LEU A 102 7.15 -25.99 -3.67
C LEU A 102 8.58 -26.43 -3.42
N GLU A 103 8.86 -27.71 -3.67
N GLU A 103 8.86 -27.71 -3.67
CA GLU A 103 10.25 -28.23 -3.57
CA GLU A 103 10.25 -28.23 -3.55
C GLU A 103 10.72 -28.59 -4.98
C GLU A 103 10.72 -28.59 -4.98
N SER A 104 12.00 -28.74 -5.20
N SER A 104 12.00 -28.74 -5.20
CA SER A 104 12.57 -28.96 -6.56
CA SER A 104 12.56 -28.95 -6.55
C SER A 104 12.05 -30.26 -7.15
C SER A 104 12.05 -30.26 -7.15
N TRP A 105 11.84 -31.30 -6.32
CA TRP A 105 11.40 -32.62 -6.84
C TRP A 105 9.96 -32.57 -7.36
N GLN A 106 9.22 -31.50 -7.05
CA GLN A 106 7.82 -31.36 -7.51
C GLN A 106 7.75 -30.71 -8.88
N ILE A 107 8.82 -30.13 -9.41
CA ILE A 107 8.71 -29.34 -10.66
C ILE A 107 9.30 -30.11 -11.82
N GLY A 108 8.41 -30.52 -12.74
CA GLY A 108 8.84 -31.21 -13.97
C GLY A 108 9.16 -30.19 -15.05
N LYS A 109 10.37 -30.24 -15.59
CA LYS A 109 10.82 -29.26 -16.59
C LYS A 109 11.69 -30.03 -17.56
N ILE A 110 11.51 -29.77 -18.86
CA ILE A 110 12.35 -30.42 -19.91
C ILE A 110 12.51 -31.93 -19.68
N GLY A 111 11.43 -32.61 -19.28
CA GLY A 111 11.47 -34.08 -19.21
C GLY A 111 12.20 -34.64 -18.02
N THR A 112 12.56 -33.80 -17.04
CA THR A 112 13.14 -34.27 -15.80
C THR A 112 12.50 -33.45 -14.66
N VAL A 113 13.15 -33.42 -13.48
CA VAL A 113 12.67 -32.52 -12.42
C VAL A 113 13.79 -31.57 -12.04
N MET A 114 13.44 -30.47 -11.39
CA MET A 114 14.43 -29.41 -11.07
C MET A 114 15.53 -29.89 -10.13
N THR A 115 15.28 -30.94 -9.33
CA THR A 115 16.34 -31.51 -8.46
C THR A 115 17.60 -31.77 -9.29
N PHE A 116 17.48 -32.17 -10.55
CA PHE A 116 18.64 -32.57 -11.39
C PHE A 116 19.08 -31.48 -12.38
N LEU A 117 18.63 -30.25 -12.18
CA LEU A 117 18.96 -29.16 -13.12
C LEU A 117 19.75 -28.04 -12.42
N PRO B 1 -5.63 7.48 9.11
CA PRO B 1 -6.75 7.13 10.01
C PRO B 1 -6.42 7.42 11.47
N PHE B 2 -7.43 7.70 12.25
CA PHE B 2 -7.28 7.97 13.71
C PHE B 2 -8.15 6.97 14.44
N LEU B 3 -7.49 6.13 15.28
CA LEU B 3 -8.22 5.10 16.06
C LEU B 3 -8.08 5.46 17.54
N GLU B 4 -9.16 5.40 18.27
N GLU B 4 -9.15 5.40 18.27
CA GLU B 4 -9.09 5.65 19.74
CA GLU B 4 -9.09 5.65 19.74
C GLU B 4 -9.79 4.51 20.48
C GLU B 4 -9.74 4.41 20.35
N LEU B 5 -9.07 3.80 21.34
CA LEU B 5 -9.64 2.60 21.97
C LEU B 5 -9.73 2.84 23.48
N ASP B 6 -10.93 2.92 24.02
CA ASP B 6 -11.14 3.06 25.47
C ASP B 6 -11.42 1.66 26.02
N THR B 7 -10.80 1.32 27.18
CA THR B 7 -11.16 0.02 27.78
C THR B 7 -11.11 0.08 29.30
N ASN B 8 -11.92 -0.77 29.93
CA ASN B 8 -11.89 -0.93 31.39
C ASN B 8 -10.91 -2.05 31.72
N LEU B 9 -10.28 -2.70 30.77
CA LEU B 9 -9.18 -3.61 31.13
C LEU B 9 -8.07 -2.73 31.71
N PRO B 10 -7.40 -3.17 32.80
N PRO B 10 -7.41 -3.17 32.80
CA PRO B 10 -6.28 -2.41 33.31
CA PRO B 10 -6.28 -2.41 33.31
C PRO B 10 -5.16 -2.49 32.26
C PRO B 10 -5.16 -2.47 32.25
N ALA B 11 -4.22 -1.54 32.31
CA ALA B 11 -3.09 -1.55 31.37
C ALA B 11 -2.41 -2.92 31.33
N ASN B 12 -2.26 -3.58 32.49
CA ASN B 12 -1.53 -4.88 32.52
C ASN B 12 -2.35 -6.05 31.97
N ARG B 13 -3.56 -5.79 31.43
CA ARG B 13 -4.37 -6.84 30.74
C ARG B 13 -4.57 -6.41 29.29
N VAL B 14 -3.85 -5.38 28.85
CA VAL B 14 -3.84 -5.01 27.41
C VAL B 14 -2.49 -5.49 26.88
N PRO B 15 -2.41 -6.49 25.98
N PRO B 15 -2.41 -6.49 25.97
CA PRO B 15 -1.11 -7.02 25.55
CA PRO B 15 -1.11 -7.02 25.55
C PRO B 15 -0.08 -5.98 25.14
C PRO B 15 -0.08 -5.98 25.14
N ALA B 16 1.17 -6.17 25.59
CA ALA B 16 2.24 -5.26 25.19
C ALA B 16 2.26 -5.14 23.66
N GLY B 17 2.45 -3.92 23.21
CA GLY B 17 2.54 -3.63 21.75
C GLY B 17 1.23 -3.61 20.98
N LEU B 18 0.11 -3.65 21.68
CA LEU B 18 -1.19 -3.62 20.96
C LEU B 18 -1.30 -2.40 20.04
N GLU B 19 -0.83 -1.24 20.49
CA GLU B 19 -1.04 -0.02 19.65
C GLU B 19 -0.28 -0.17 18.34
N LYS B 20 0.85 -0.88 18.36
N LYS B 20 0.85 -0.88 18.36
CA LYS B 20 1.64 -1.10 17.13
CA LYS B 20 1.64 -1.10 17.13
C LYS B 20 0.92 -2.11 16.22
C LYS B 20 0.92 -2.10 16.22
N ARG B 21 0.51 -3.24 16.76
CA ARG B 21 -0.19 -4.26 15.93
C ARG B 21 -1.53 -3.71 15.42
N LEU B 22 -2.25 -2.90 16.19
CA LEU B 22 -3.56 -2.34 15.78
C LEU B 22 -3.28 -1.35 14.67
N CYS B 23 -2.13 -0.67 14.72
N CYS B 23 -2.14 -0.65 14.71
CA CYS B 23 -1.77 0.26 13.63
CA CYS B 23 -1.76 0.27 13.63
C CYS B 23 -1.63 -0.50 12.31
C CYS B 23 -1.66 -0.52 12.31
N ALA B 24 -0.89 -1.61 12.31
CA ALA B 24 -0.68 -2.41 11.07
C ALA B 24 -2.01 -3.01 10.60
N ALA B 25 -2.82 -3.49 11.50
CA ALA B 25 -4.13 -4.08 11.12
C ALA B 25 -4.99 -3.00 10.47
N ALA B 26 -5.04 -1.83 11.08
CA ALA B 26 -5.92 -0.75 10.55
C ALA B 26 -5.43 -0.30 9.19
N ALA B 27 -4.12 -0.30 8.94
CA ALA B 27 -3.61 0.08 7.60
C ALA B 27 -4.15 -0.92 6.56
N SER B 28 -4.12 -2.21 6.87
CA SER B 28 -4.63 -3.22 5.92
C SER B 28 -6.15 -3.10 5.79
N ILE B 29 -6.88 -2.99 6.90
CA ILE B 29 -8.35 -3.01 6.85
C ILE B 29 -8.88 -1.79 6.06
N LEU B 30 -8.30 -0.62 6.35
CA LEU B 30 -8.78 0.64 5.75
C LEU B 30 -8.10 0.93 4.40
N GLY B 31 -7.08 0.17 4.01
CA GLY B 31 -6.43 0.42 2.71
C GLY B 31 -5.64 1.72 2.74
N LYS B 32 -4.94 1.99 3.85
CA LYS B 32 -4.22 3.28 3.98
C LYS B 32 -2.80 2.95 4.43
N PRO B 33 -1.81 3.81 4.17
CA PRO B 33 -0.45 3.51 4.58
C PRO B 33 -0.28 3.46 6.11
N ALA B 34 0.54 2.55 6.61
CA ALA B 34 0.68 2.38 8.10
C ALA B 34 1.31 3.62 8.75
N ASP B 35 2.13 4.34 7.99
CA ASP B 35 2.71 5.60 8.51
C ASP B 35 1.67 6.73 8.53
N ARG B 36 0.42 6.43 8.15
CA ARG B 36 -0.66 7.45 8.27
C ARG B 36 -1.71 6.98 9.27
N VAL B 37 -1.40 5.87 9.96
CA VAL B 37 -2.36 5.35 10.99
C VAL B 37 -1.94 5.84 12.37
N ASN B 38 -2.88 6.34 13.12
CA ASN B 38 -2.66 6.85 14.49
C ASN B 38 -3.55 6.00 15.38
N VAL B 39 -2.99 5.54 16.50
CA VAL B 39 -3.74 4.71 17.45
C VAL B 39 -3.55 5.29 18.86
N THR B 40 -4.61 5.46 19.62
CA THR B 40 -4.51 5.88 21.03
C THR B 40 -5.29 4.85 21.87
N VAL B 41 -4.63 4.30 22.88
CA VAL B 41 -5.30 3.33 23.78
C VAL B 41 -5.39 3.95 25.17
N ARG B 42 -6.59 3.97 25.75
CA ARG B 42 -6.83 4.56 27.09
C ARG B 42 -7.38 3.44 27.99
N PRO B 43 -6.51 2.74 28.74
CA PRO B 43 -6.95 1.63 29.56
C PRO B 43 -7.27 2.07 31.00
N GLY B 44 -7.77 1.11 31.79
CA GLY B 44 -8.03 1.37 33.22
C GLY B 44 -9.23 2.28 33.47
N LEU B 45 -10.11 2.48 32.47
CA LEU B 45 -11.26 3.41 32.66
C LEU B 45 -12.41 2.70 33.38
N ALA B 46 -13.40 3.46 33.83
CA ALA B 46 -14.63 2.85 34.39
C ALA B 46 -15.65 2.82 33.26
N MET B 47 -16.09 1.64 32.87
CA MET B 47 -16.99 1.56 31.70
C MET B 47 -18.16 0.61 31.89
N ALA B 48 -19.31 1.00 31.32
CA ALA B 48 -20.44 0.06 31.14
C ALA B 48 -20.65 -0.01 29.62
N LEU B 49 -20.83 -1.22 29.10
CA LEU B 49 -21.11 -1.38 27.66
C LEU B 49 -22.35 -2.26 27.59
N SER B 50 -23.35 -1.82 26.83
CA SER B 50 -24.63 -2.57 26.79
C SER B 50 -25.16 -2.74 28.21
N GLY B 51 -25.02 -1.70 29.03
CA GLY B 51 -25.55 -1.71 30.41
C GLY B 51 -24.77 -2.55 31.40
N SER B 52 -23.61 -3.11 31.03
CA SER B 52 -22.84 -4.05 31.90
C SER B 52 -21.38 -3.58 32.11
N THR B 53 -20.83 -3.76 33.32
CA THR B 53 -19.46 -3.30 33.66
C THR B 53 -18.41 -4.42 33.54
N GLU B 54 -18.77 -5.55 32.95
CA GLU B 54 -17.75 -6.59 32.67
C GLU B 54 -16.68 -6.00 31.71
N PRO B 55 -15.49 -6.61 31.59
CA PRO B 55 -14.50 -6.12 30.64
C PRO B 55 -15.08 -5.87 29.26
N CYS B 56 -14.65 -4.74 28.70
CA CYS B 56 -15.19 -4.30 27.40
C CYS B 56 -14.22 -3.32 26.74
N ALA B 57 -14.52 -2.93 25.49
CA ALA B 57 -13.72 -1.91 24.80
C ALA B 57 -14.58 -1.17 23.79
N GLN B 58 -14.26 0.11 23.62
CA GLN B 58 -14.97 0.92 22.58
C GLN B 58 -13.91 1.46 21.62
N LEU B 59 -14.12 1.25 20.30
CA LEU B 59 -13.14 1.76 19.31
C LEU B 59 -13.81 2.83 18.49
N SER B 60 -13.16 3.98 18.28
CA SER B 60 -13.63 5.01 17.34
C SER B 60 -12.62 5.05 16.18
N ILE B 61 -13.14 5.16 14.95
CA ILE B 61 -12.25 5.15 13.75
C ILE B 61 -12.64 6.36 12.91
N SER B 62 -11.72 7.25 12.66
CA SER B 62 -11.99 8.45 11.85
C SER B 62 -11.04 8.47 10.66
N SER B 63 -11.55 8.80 9.47
CA SER B 63 -10.68 8.80 8.27
C SER B 63 -11.32 9.56 7.14
N ILE B 64 -10.51 10.06 6.22
CA ILE B 64 -11.06 10.63 4.98
C ILE B 64 -11.47 9.51 4.02
N GLY B 65 -12.68 9.62 3.44
CA GLY B 65 -13.08 8.79 2.28
C GLY B 65 -13.53 7.38 2.49
N VAL B 66 -12.95 6.64 3.45
CA VAL B 66 -13.17 5.17 3.51
C VAL B 66 -14.11 4.68 4.63
N VAL B 67 -14.64 5.55 5.50
CA VAL B 67 -15.53 5.06 6.59
C VAL B 67 -16.91 5.75 6.50
N GLY B 68 -17.37 6.01 5.25
CA GLY B 68 -18.60 6.79 5.04
C GLY B 68 -19.81 6.00 4.55
N THR B 69 -19.67 4.69 4.31
CA THR B 69 -20.82 3.92 3.76
C THR B 69 -21.11 2.73 4.65
N ALA B 70 -22.36 2.28 4.66
CA ALA B 70 -22.71 1.07 5.43
C ALA B 70 -21.95 -0.15 4.91
N GLU B 71 -21.84 -0.30 3.58
CA GLU B 71 -21.22 -1.52 3.02
C GLU B 71 -19.74 -1.58 3.40
N ASP B 72 -19.03 -0.46 3.30
N ASP B 72 -19.02 -0.46 3.28
CA ASP B 72 -17.59 -0.56 3.61
CA ASP B 72 -17.56 -0.40 3.63
C ASP B 72 -17.36 -0.60 5.13
C ASP B 72 -17.39 -0.61 5.12
N ASN B 73 -18.26 0.00 5.91
CA ASN B 73 -18.12 -0.09 7.37
C ASN B 73 -18.47 -1.51 7.84
N ARG B 74 -19.36 -2.21 7.15
CA ARG B 74 -19.64 -3.63 7.53
C ARG B 74 -18.36 -4.44 7.34
N SER B 75 -17.67 -4.23 6.22
N SER B 75 -17.67 -4.23 6.22
CA SER B 75 -16.39 -4.94 5.98
CA SER B 75 -16.39 -4.94 5.98
C SER B 75 -15.39 -4.58 7.09
C SER B 75 -15.39 -4.58 7.09
N HIS B 76 -15.22 -3.31 7.36
CA HIS B 76 -14.24 -2.87 8.36
C HIS B 76 -14.58 -3.47 9.71
N SER B 77 -15.86 -3.41 10.08
CA SER B 77 -16.29 -3.92 11.41
C SER B 77 -15.92 -5.41 11.50
N ALA B 78 -16.19 -6.23 10.49
CA ALA B 78 -15.88 -7.66 10.60
C ALA B 78 -14.39 -7.84 10.94
N HIS B 79 -13.52 -7.16 10.21
CA HIS B 79 -12.06 -7.34 10.43
C HIS B 79 -11.66 -6.77 11.80
N PHE B 80 -12.16 -5.62 12.21
CA PHE B 80 -11.73 -5.09 13.53
C PHE B 80 -12.24 -5.97 14.67
N PHE B 81 -13.44 -6.53 14.57
CA PHE B 81 -13.91 -7.46 15.61
C PHE B 81 -13.00 -8.69 15.66
N GLU B 82 -12.70 -9.29 14.50
N GLU B 82 -12.70 -9.29 14.50
CA GLU B 82 -11.83 -10.49 14.45
CA GLU B 82 -11.84 -10.49 14.45
C GLU B 82 -10.48 -10.19 15.11
C GLU B 82 -10.48 -10.19 15.11
N PHE B 83 -9.92 -9.02 14.82
CA PHE B 83 -8.60 -8.66 15.38
C PHE B 83 -8.68 -8.41 16.88
N LEU B 84 -9.64 -7.59 17.34
CA LEU B 84 -9.68 -7.14 18.76
C LEU B 84 -10.21 -8.20 19.72
N THR B 85 -11.17 -9.02 19.30
CA THR B 85 -11.63 -10.10 20.19
C THR B 85 -10.43 -10.97 20.58
N LYS B 86 -9.60 -11.33 19.67
N LYS B 86 -9.60 -11.33 19.67
CA LYS B 86 -8.43 -12.20 19.99
CA LYS B 86 -8.44 -12.20 19.99
C LYS B 86 -7.42 -11.41 20.83
C LYS B 86 -7.42 -11.41 20.83
N GLU B 87 -7.02 -10.22 20.39
CA GLU B 87 -5.98 -9.47 21.14
C GLU B 87 -6.42 -9.19 22.58
N LEU B 88 -7.66 -8.76 22.79
CA LEU B 88 -8.10 -8.32 24.14
C LEU B 88 -8.72 -9.48 24.93
N ALA B 89 -8.86 -10.65 24.32
CA ALA B 89 -9.54 -11.79 24.98
C ALA B 89 -10.95 -11.37 25.40
N LEU B 90 -11.70 -10.74 24.49
CA LEU B 90 -13.07 -10.28 24.78
C LEU B 90 -14.02 -10.95 23.81
N GLY B 91 -15.23 -11.26 24.26
CA GLY B 91 -16.26 -11.73 23.33
C GLY B 91 -16.76 -10.60 22.43
N GLN B 92 -17.38 -10.97 21.31
CA GLN B 92 -17.86 -9.94 20.38
C GLN B 92 -18.95 -9.09 21.03
N ASP B 93 -19.64 -9.57 22.06
CA ASP B 93 -20.67 -8.75 22.76
C ASP B 93 -20.03 -7.64 23.61
N ARG B 94 -18.71 -7.67 23.78
CA ARG B 94 -18.04 -6.71 24.69
C ARG B 94 -17.23 -5.64 23.93
N ILE B 95 -17.49 -5.49 22.61
CA ILE B 95 -16.82 -4.43 21.82
C ILE B 95 -17.86 -3.71 20.98
N LEU B 96 -17.77 -2.39 20.87
CA LEU B 96 -18.58 -1.64 19.89
C LEU B 96 -17.62 -0.70 19.16
N ILE B 97 -17.98 -0.35 17.91
CA ILE B 97 -17.14 0.55 17.11
C ILE B 97 -17.98 1.72 16.61
N ARG B 98 -17.39 2.90 16.54
CA ARG B 98 -18.06 4.04 15.86
C ARG B 98 -17.14 4.53 14.75
N PHE B 99 -17.72 4.88 13.60
CA PHE B 99 -16.97 5.34 12.41
C PHE B 99 -17.32 6.83 12.15
N PHE B 100 -16.31 7.65 11.86
CA PHE B 100 -16.49 9.10 11.69
C PHE B 100 -15.75 9.58 10.45
N PRO B 101 -16.43 9.92 9.36
CA PRO B 101 -15.73 10.52 8.23
C PRO B 101 -15.08 11.87 8.61
N LEU B 102 -13.92 12.12 8.00
CA LEU B 102 -13.23 13.43 8.13
C LEU B 102 -13.06 14.00 6.70
N GLU B 103 -12.87 15.33 6.68
CA GLU B 103 -12.51 16.01 5.41
C GLU B 103 -11.10 16.59 5.58
N SER B 104 -10.43 16.92 4.47
CA SER B 104 -9.02 17.38 4.51
C SER B 104 -8.84 18.67 5.32
N TRP B 105 -9.85 19.56 5.33
CA TRP B 105 -9.73 20.85 6.04
C TRP B 105 -9.77 20.67 7.56
N GLN B 106 -10.12 19.45 8.01
CA GLN B 106 -10.21 19.17 9.45
C GLN B 106 -8.90 18.65 10.01
N ILE B 107 -7.90 18.35 9.20
CA ILE B 107 -6.68 17.68 9.74
C ILE B 107 -5.51 18.65 9.67
N GLY B 108 -4.96 19.00 10.83
CA GLY B 108 -3.79 19.84 10.93
C GLY B 108 -2.53 18.98 11.04
N LYS B 109 -1.59 19.29 10.13
CA LYS B 109 -0.31 18.54 10.05
C LYS B 109 0.77 19.57 9.70
N ILE B 110 1.94 19.45 10.33
CA ILE B 110 3.09 20.36 10.08
C ILE B 110 2.68 21.85 9.98
N GLY B 111 1.78 22.29 10.85
CA GLY B 111 1.44 23.73 10.91
C GLY B 111 0.51 24.22 9.82
N THR B 112 -0.07 23.30 9.04
CA THR B 112 -1.09 23.70 8.04
C THR B 112 -2.21 22.65 8.12
N VAL B 113 -3.06 22.60 7.09
CA VAL B 113 -4.11 21.53 7.02
C VAL B 113 -3.91 20.71 5.73
N MET B 114 -4.50 19.52 5.73
CA MET B 114 -4.28 18.61 4.60
C MET B 114 -4.83 19.16 3.28
N THR B 115 -5.81 20.08 3.31
CA THR B 115 -6.29 20.73 2.07
C THR B 115 -5.10 21.27 1.27
N PHE B 116 -4.05 21.78 1.92
CA PHE B 116 -2.90 22.44 1.25
C PHE B 116 -1.68 21.50 1.12
N LEU B 117 -1.84 20.21 1.41
CA LEU B 117 -0.74 19.21 1.33
C LEU B 117 -1.08 18.11 0.30
N PRO C 1 13.71 20.36 -0.82
CA PRO C 1 13.98 19.15 -1.60
C PRO C 1 14.00 19.43 -3.11
N PHE C 2 14.72 18.59 -3.86
CA PHE C 2 14.80 18.72 -5.34
C PHE C 2 14.19 17.45 -5.91
N LEU C 3 13.15 17.60 -6.71
CA LEU C 3 12.53 16.43 -7.39
C LEU C 3 12.69 16.60 -8.89
N GLU C 4 13.16 15.56 -9.57
N GLU C 4 13.16 15.56 -9.57
CA GLU C 4 13.31 15.63 -11.05
CA GLU C 4 13.31 15.62 -11.04
C GLU C 4 12.54 14.45 -11.61
C GLU C 4 12.55 14.45 -11.62
N LEU C 5 11.66 14.71 -12.60
CA LEU C 5 10.81 13.62 -13.14
C LEU C 5 11.01 13.56 -14.66
N ASP C 6 11.60 12.48 -15.15
CA ASP C 6 11.73 12.24 -16.61
C ASP C 6 10.60 11.31 -17.02
N THR C 7 9.96 11.59 -18.17
CA THR C 7 8.93 10.63 -18.65
C THR C 7 8.89 10.59 -20.17
N ASN C 8 8.50 9.43 -20.71
CA ASN C 8 8.28 9.27 -22.16
C ASN C 8 6.83 9.62 -22.48
N LEU C 9 6.02 9.97 -21.50
CA LEU C 9 4.68 10.51 -21.84
C LEU C 9 4.93 11.84 -22.49
N PRO C 10 4.18 12.19 -23.57
N PRO C 10 4.18 12.19 -23.57
N PRO C 10 4.18 12.18 -23.57
CA PRO C 10 4.33 13.49 -24.16
CA PRO C 10 4.33 13.49 -24.16
CA PRO C 10 4.33 13.49 -24.16
C PRO C 10 3.81 14.54 -23.18
C PRO C 10 3.81 14.54 -23.18
C PRO C 10 3.81 14.54 -23.18
N ALA C 11 4.20 15.80 -23.37
CA ALA C 11 3.75 16.88 -22.48
C ALA C 11 2.21 16.93 -22.40
N ASN C 12 1.53 16.65 -23.52
CA ASN C 12 0.04 16.70 -23.52
C ASN C 12 -0.62 15.49 -22.86
N ARG C 13 0.19 14.58 -22.27
CA ARG C 13 -0.37 13.45 -21.48
C ARG C 13 0.14 13.59 -20.03
N VAL C 14 0.75 14.71 -19.71
CA VAL C 14 1.16 15.04 -18.32
C VAL C 14 0.15 16.07 -17.82
N PRO C 15 -0.69 15.78 -16.79
CA PRO C 15 -1.76 16.72 -16.40
C PRO C 15 -1.26 18.12 -16.03
N ALA C 16 -1.97 19.13 -16.55
CA ALA C 16 -1.65 20.52 -16.21
C ALA C 16 -1.53 20.66 -14.69
N GLY C 17 -0.53 21.42 -14.25
CA GLY C 17 -0.42 21.72 -12.82
C GLY C 17 0.31 20.65 -12.01
N LEU C 18 0.82 19.64 -12.68
CA LEU C 18 1.48 18.54 -11.93
C LEU C 18 2.60 19.09 -11.05
N GLU C 19 3.43 19.98 -11.59
CA GLU C 19 4.61 20.49 -10.84
C GLU C 19 4.17 21.09 -9.49
N LYS C 20 3.07 21.86 -9.48
CA LYS C 20 2.59 22.48 -8.23
C LYS C 20 2.01 21.45 -7.23
N ARG C 21 1.23 20.52 -7.76
CA ARG C 21 0.67 19.46 -6.87
C ARG C 21 1.81 18.60 -6.30
N LEU C 22 2.88 18.41 -7.05
CA LEU C 22 4.03 17.63 -6.52
C LEU C 22 4.75 18.42 -5.43
N CYS C 23 4.80 19.76 -5.48
CA CYS C 23 5.36 20.51 -4.31
C CYS C 23 4.53 20.26 -3.06
N ALA C 24 3.21 20.31 -3.16
CA ALA C 24 2.35 20.10 -1.98
C ALA C 24 2.53 18.65 -1.47
N ALA C 25 2.52 17.68 -2.41
CA ALA C 25 2.68 16.28 -1.98
C ALA C 25 4.03 16.09 -1.29
N ALA C 26 5.11 16.62 -1.91
CA ALA C 26 6.45 16.42 -1.33
C ALA C 26 6.53 17.05 0.08
N ALA C 27 5.81 18.17 0.28
CA ALA C 27 5.77 18.80 1.62
C ALA C 27 5.17 17.83 2.62
N SER C 28 4.03 17.24 2.26
CA SER C 28 3.37 16.28 3.16
C SER C 28 4.27 15.07 3.43
N ILE C 29 4.94 14.57 2.39
CA ILE C 29 5.70 13.30 2.52
C ILE C 29 7.03 13.52 3.22
N LEU C 30 7.79 14.54 2.79
CA LEU C 30 9.15 14.75 3.34
C LEU C 30 9.11 15.69 4.55
N GLY C 31 8.03 16.41 4.80
CA GLY C 31 7.90 17.25 6.02
C GLY C 31 8.52 18.64 5.91
N LYS C 32 9.00 19.05 4.74
CA LYS C 32 9.55 20.42 4.56
C LYS C 32 8.50 21.26 3.85
N PRO C 33 8.36 22.57 4.15
CA PRO C 33 7.29 23.38 3.55
C PRO C 33 7.31 23.34 2.01
N ALA C 34 6.10 23.47 1.44
CA ALA C 34 5.93 23.46 -0.04
C ALA C 34 6.80 24.55 -0.70
N ASP C 35 6.98 25.68 -0.04
CA ASP C 35 7.80 26.76 -0.62
C ASP C 35 9.29 26.50 -0.48
N ARG C 36 9.73 25.33 -0.01
CA ARG C 36 11.14 24.94 -0.10
C ARG C 36 11.25 23.72 -1.07
N VAL C 37 10.22 23.42 -1.82
CA VAL C 37 10.27 22.27 -2.74
C VAL C 37 10.54 22.75 -4.17
N ASN C 38 11.44 22.06 -4.86
CA ASN C 38 11.79 22.37 -6.27
C ASN C 38 11.41 21.15 -7.10
N VAL C 39 10.73 21.37 -8.24
CA VAL C 39 10.30 20.25 -9.10
C VAL C 39 10.74 20.54 -10.53
N THR C 40 11.29 19.56 -11.23
CA THR C 40 11.60 19.71 -12.68
C THR C 40 10.98 18.52 -13.40
N VAL C 41 10.16 18.76 -14.40
CA VAL C 41 9.54 17.69 -15.20
C VAL C 41 10.03 17.82 -16.62
N ARG C 42 10.54 16.69 -17.15
CA ARG C 42 11.12 16.58 -18.51
C ARG C 42 10.29 15.55 -19.28
N PRO C 43 9.26 15.96 -20.02
CA PRO C 43 8.39 15.03 -20.75
C PRO C 43 8.90 14.81 -22.18
N GLY C 44 8.21 13.89 -22.87
CA GLY C 44 8.48 13.62 -24.30
C GLY C 44 9.81 12.95 -24.56
N LEU C 45 10.43 12.32 -23.55
CA LEU C 45 11.78 11.72 -23.73
C LEU C 45 11.62 10.32 -24.35
N ALA C 46 12.72 9.74 -24.79
CA ALA C 46 12.73 8.34 -25.29
C ALA C 46 13.24 7.49 -24.11
N MET C 47 12.40 6.57 -23.61
CA MET C 47 12.73 5.83 -22.39
C MET C 47 12.40 4.33 -22.51
N ALA C 48 13.25 3.54 -21.85
CA ALA C 48 12.93 2.12 -21.55
C ALA C 48 13.03 1.97 -20.03
N LEU C 49 12.14 1.20 -19.44
CA LEU C 49 12.21 0.92 -18.00
C LEU C 49 11.99 -0.59 -17.92
N SER C 50 12.87 -1.30 -17.21
CA SER C 50 12.79 -2.78 -17.19
C SER C 50 12.78 -3.32 -18.62
N GLY C 51 13.61 -2.74 -19.49
CA GLY C 51 13.75 -3.24 -20.86
C GLY C 51 12.58 -2.89 -21.79
N SER C 52 11.56 -2.19 -21.30
CA SER C 52 10.34 -1.93 -22.08
C SER C 52 10.15 -0.43 -22.36
N THR C 53 9.70 -0.11 -23.59
CA THR C 53 9.48 1.31 -23.96
C THR C 53 8.01 1.73 -23.77
N GLU C 54 7.21 0.93 -23.09
CA GLU C 54 5.84 1.38 -22.75
C GLU C 54 5.93 2.63 -21.87
N PRO C 55 4.87 3.45 -21.75
CA PRO C 55 4.92 4.62 -20.86
C PRO C 55 5.47 4.31 -19.48
N CYS C 56 6.33 5.24 -19.03
CA CYS C 56 7.02 5.06 -17.75
C CYS C 56 7.49 6.41 -17.20
N ALA C 57 8.04 6.42 -15.98
CA ALA C 57 8.60 7.66 -15.42
C ALA C 57 9.70 7.34 -14.43
N GLN C 58 10.67 8.25 -14.37
CA GLN C 58 11.79 8.11 -13.41
C GLN C 58 11.81 9.36 -12.51
N LEU C 59 11.75 9.17 -11.18
CA LEU C 59 11.79 10.33 -10.25
C LEU C 59 13.10 10.29 -9.47
N SER C 60 13.76 11.43 -9.35
CA SER C 60 14.94 11.53 -8.48
C SER C 60 14.57 12.52 -7.37
N ILE C 61 14.91 12.19 -6.13
CA ILE C 61 14.56 13.04 -4.96
C ILE C 61 15.84 13.29 -4.18
N SER C 62 16.24 14.54 -4.01
CA SER C 62 17.48 14.91 -3.31
C SER C 62 17.13 15.90 -2.21
N SER C 63 17.70 15.65 -0.99
CA SER C 63 17.36 16.55 0.14
C SER C 63 18.39 16.38 1.25
N ILE C 64 18.53 17.39 2.10
CA ILE C 64 19.37 17.23 3.30
C ILE C 64 18.61 16.43 4.37
N GLY C 65 19.24 15.41 4.94
CA GLY C 65 18.74 14.76 6.18
C GLY C 65 17.64 13.73 6.07
N VAL C 66 16.70 13.85 5.14
CA VAL C 66 15.46 13.02 5.20
C VAL C 66 15.38 11.86 4.18
N VAL C 67 16.37 11.71 3.32
CA VAL C 67 16.30 10.62 2.29
C VAL C 67 17.52 9.69 2.38
N GLY C 68 18.04 9.48 3.61
CA GLY C 68 19.30 8.75 3.79
C GLY C 68 19.19 7.36 4.41
N THR C 69 18.01 6.87 4.74
CA THR C 69 17.86 5.55 5.37
C THR C 69 16.85 4.68 4.59
N ALA C 70 17.02 3.37 4.66
CA ALA C 70 16.05 2.46 4.02
C ALA C 70 14.65 2.64 4.62
N GLU C 71 14.56 2.76 5.95
CA GLU C 71 13.21 2.81 6.56
C GLU C 71 12.50 4.12 6.16
N ASP C 72 13.21 5.24 6.15
CA ASP C 72 12.61 6.53 5.72
C ASP C 72 12.20 6.41 4.26
N ASN C 73 13.09 5.90 3.43
CA ASN C 73 12.83 5.90 1.96
C ASN C 73 11.72 4.90 1.62
N ARG C 74 11.57 3.82 2.38
CA ARG C 74 10.45 2.87 2.15
C ARG C 74 9.14 3.65 2.27
N SER C 75 9.00 4.43 3.34
N SER C 75 9.00 4.43 3.34
CA SER C 75 7.75 5.22 3.55
CA SER C 75 7.75 5.22 3.55
C SER C 75 7.60 6.27 2.44
C SER C 75 7.60 6.27 2.43
N HIS C 76 8.69 6.97 2.12
CA HIS C 76 8.57 8.03 1.10
C HIS C 76 8.17 7.39 -0.23
N SER C 77 8.80 6.27 -0.56
CA SER C 77 8.50 5.58 -1.82
C SER C 77 6.99 5.25 -1.91
N ALA C 78 6.38 4.71 -0.88
CA ALA C 78 4.96 4.34 -0.97
C ALA C 78 4.14 5.57 -1.38
N HIS C 79 4.40 6.71 -0.75
CA HIS C 79 3.57 7.91 -1.01
C HIS C 79 3.86 8.46 -2.41
N PHE C 80 5.12 8.53 -2.83
CA PHE C 80 5.39 9.09 -4.17
C PHE C 80 4.87 8.14 -5.25
N PHE C 81 4.92 6.81 -5.03
CA PHE C 81 4.31 5.89 -6.03
C PHE C 81 2.79 6.16 -6.09
N GLU C 82 2.12 6.31 -4.95
CA GLU C 82 0.65 6.55 -4.96
C GLU C 82 0.39 7.83 -5.76
N PHE C 83 1.16 8.87 -5.50
CA PHE C 83 0.94 10.16 -6.20
C PHE C 83 1.14 9.99 -7.71
N LEU C 84 2.25 9.40 -8.15
CA LEU C 84 2.57 9.37 -9.60
C LEU C 84 1.68 8.37 -10.33
N THR C 85 1.35 7.22 -9.75
CA THR C 85 0.49 6.30 -10.50
C THR C 85 -0.83 7.01 -10.81
N LYS C 86 -1.38 7.74 -9.86
CA LYS C 86 -2.70 8.38 -10.09
C LYS C 86 -2.51 9.54 -11.08
N GLU C 87 -1.53 10.43 -10.87
CA GLU C 87 -1.39 11.59 -11.77
C GLU C 87 -1.07 11.16 -13.20
N LEU C 88 -0.17 10.20 -13.38
CA LEU C 88 0.32 9.86 -14.75
C LEU C 88 -0.43 8.68 -15.37
N ALA C 89 -1.34 8.07 -14.63
CA ALA C 89 -2.11 6.91 -15.13
C ALA C 89 -1.14 5.79 -15.51
N LEU C 90 -0.17 5.52 -14.61
CA LEU C 90 0.83 4.44 -14.81
C LEU C 90 0.67 3.38 -13.73
N GLY C 91 1.03 2.14 -14.03
CA GLY C 91 1.11 1.11 -12.97
C GLY C 91 2.43 1.23 -12.21
N GLN C 92 2.49 0.65 -11.02
CA GLN C 92 3.70 0.76 -10.19
C GLN C 92 4.92 0.16 -10.85
N ASP C 93 4.77 -0.84 -11.72
CA ASP C 93 5.96 -1.43 -12.38
C ASP C 93 6.57 -0.49 -13.44
N ARG C 94 5.92 0.65 -13.67
CA ARG C 94 6.38 1.60 -14.74
C ARG C 94 6.98 2.87 -14.13
N ILE C 95 7.31 2.86 -12.84
CA ILE C 95 7.93 4.03 -12.15
C ILE C 95 9.11 3.47 -11.34
N LEU C 96 10.22 4.22 -11.32
CA LEU C 96 11.31 3.99 -10.39
C LEU C 96 11.72 5.32 -9.77
N ILE C 97 12.23 5.22 -8.52
CA ILE C 97 12.67 6.44 -7.81
C ILE C 97 14.13 6.23 -7.41
N ARG C 98 14.94 7.29 -7.43
CA ARG C 98 16.27 7.27 -6.82
C ARG C 98 16.31 8.39 -5.79
N PHE C 99 16.89 8.08 -4.63
CA PHE C 99 17.00 9.03 -3.49
C PHE C 99 18.48 9.40 -3.30
N PHE C 100 18.74 10.71 -3.16
CA PHE C 100 20.12 11.24 -3.02
C PHE C 100 20.25 12.23 -1.87
N PRO C 101 20.91 11.83 -0.79
CA PRO C 101 21.21 12.79 0.27
C PRO C 101 22.11 13.94 -0.20
N LEU C 102 21.85 15.13 0.31
CA LEU C 102 22.70 16.29 0.01
C LEU C 102 23.20 16.91 1.31
N GLU C 103 24.30 17.66 1.22
N GLU C 103 24.30 17.65 1.23
CA GLU C 103 24.80 18.38 2.42
CA GLU C 103 24.81 18.38 2.41
C GLU C 103 24.69 19.88 2.13
C GLU C 103 24.69 19.88 2.13
N SER C 104 24.70 20.71 3.18
N SER C 104 24.70 20.71 3.18
CA SER C 104 24.51 22.18 2.98
CA SER C 104 24.51 22.18 2.98
C SER C 104 25.56 22.82 2.08
C SER C 104 25.57 22.82 2.07
N TRP C 105 26.81 22.34 2.12
CA TRP C 105 27.90 22.95 1.31
C TRP C 105 27.73 22.68 -0.17
N GLN C 106 26.81 21.78 -0.53
CA GLN C 106 26.56 21.44 -1.95
C GLN C 106 25.48 22.33 -2.55
N ILE C 107 24.77 23.15 -1.80
CA ILE C 107 23.59 23.87 -2.34
C ILE C 107 23.91 25.34 -2.41
N GLY C 108 24.01 25.82 -3.65
CA GLY C 108 24.19 27.26 -3.92
C GLY C 108 22.84 27.96 -3.95
N LYS C 109 22.73 29.00 -3.12
CA LYS C 109 21.46 29.73 -2.91
C LYS C 109 21.86 31.19 -2.72
N ILE C 110 21.17 32.07 -3.42
CA ILE C 110 21.41 33.55 -3.33
C ILE C 110 22.89 33.92 -3.33
N GLY C 111 23.67 33.31 -4.22
CA GLY C 111 25.07 33.72 -4.39
C GLY C 111 26.03 33.21 -3.32
N THR C 112 25.55 32.34 -2.43
CA THR C 112 26.45 31.72 -1.43
C THR C 112 26.07 30.23 -1.39
N VAL C 113 26.42 29.54 -0.31
CA VAL C 113 25.93 28.15 -0.12
C VAL C 113 25.13 28.09 1.19
N MET C 114 24.30 27.09 1.34
CA MET C 114 23.39 27.01 2.51
C MET C 114 24.14 26.90 3.84
N THR C 115 25.40 26.45 3.82
CA THR C 115 26.23 26.44 5.06
C THR C 115 26.23 27.83 5.71
N PHE C 116 26.10 28.92 4.93
CA PHE C 116 26.24 30.30 5.47
C PHE C 116 24.91 31.05 5.52
N LEU C 117 23.80 30.31 5.48
N LEU C 117 23.80 30.31 5.48
CA LEU C 117 22.46 30.95 5.58
CA LEU C 117 22.46 30.95 5.58
C LEU C 117 21.70 30.33 6.76
C LEU C 117 21.69 30.33 6.76
#